data_8J34
#
_entry.id   8J34
#
_cell.length_a   57.902
_cell.length_b   91.330
_cell.length_c   118.135
_cell.angle_alpha   90.000
_cell.angle_beta   90.000
_cell.angle_gamma   90.000
#
_symmetry.space_group_name_H-M   'P 21 21 21'
#
loop_
_entity.id
_entity.type
_entity.pdbx_description
1 polymer ORF1a
2 non-polymer N-[(2S)-1-({(2S,3S)-3,4-dihydroxy-1-[(3S)-2-oxopyrrolidin-3-yl]butan-2-yl}amino)-4-methyl-1-oxopentan-2-yl]-4-methoxy-1H-indole-2-carboxamide
3 water water
#
_entity_poly.entity_id   1
_entity_poly.type   'polypeptide(L)'
_entity_poly.pdbx_seq_one_letter_code
;LVKMSHPSGDVEACMVQVTCGSMTLNGLWLDNTVWCPRHVMCPADQLSDPNYDALLISMTNHSFSVQKHIGAPANLRVVG
HAMQGTLLKLTVDVANPSTPAYTFTTVKPGAAFSVLACYNGRPTGTFTVVMRPNYTIKGSFLCGSCGSVGYTKEGSVINF
CYMHQMELANGTHTGSAFDGTMYGAFMDKQVHQVQLTDKYCSVNVVAWLYAAILNGCAWFVKPNRTSVVSFNEWALANQF
TEFVGTQSVDMLAVKTGVAIEQLLYAIQQLYTGFQGKQILGSTMLEDEFTPEDVNMQIM
;
_entity_poly.pdbx_strand_id   A,B
#
# COMPACT_ATOMS: atom_id res chain seq x y z
N LEU A 1 -3.63 10.70 6.32
CA LEU A 1 -4.22 10.03 5.15
C LEU A 1 -3.16 9.28 4.31
N VAL A 2 -3.34 7.97 4.14
CA VAL A 2 -2.31 7.10 3.58
C VAL A 2 -2.93 6.10 2.62
N LYS A 3 -2.16 5.73 1.59
CA LYS A 3 -2.55 4.65 0.71
C LYS A 3 -2.51 3.32 1.46
N MET A 4 -3.62 2.59 1.41
CA MET A 4 -3.79 1.40 2.24
C MET A 4 -4.38 0.30 1.37
N SER A 5 -3.82 -0.90 1.49
CA SER A 5 -4.30 -2.04 0.73
C SER A 5 -4.87 -3.09 1.66
N HIS A 6 -5.76 -3.92 1.13
CA HIS A 6 -6.25 -5.09 1.85
C HIS A 6 -5.10 -6.06 2.09
N PRO A 7 -5.14 -6.81 3.19
CA PRO A 7 -4.22 -7.94 3.33
C PRO A 7 -4.40 -8.86 2.13
N SER A 8 -3.28 -9.33 1.55
CA SER A 8 -3.32 -10.05 0.28
C SER A 8 -3.29 -11.57 0.40
N GLY A 9 -3.22 -12.12 1.63
CA GLY A 9 -3.06 -13.55 1.79
C GLY A 9 -4.13 -14.38 1.11
N ASP A 10 -5.40 -13.97 1.23
CA ASP A 10 -6.50 -14.62 0.51
C ASP A 10 -6.19 -14.77 -0.96
N VAL A 11 -5.78 -13.68 -1.60
CA VAL A 11 -5.60 -13.67 -3.03
C VAL A 11 -4.35 -14.42 -3.43
N GLU A 12 -3.29 -14.38 -2.59
CA GLU A 12 -2.05 -15.08 -2.92
C GLU A 12 -2.31 -16.57 -3.11
N ALA A 13 -3.17 -17.17 -2.28
CA ALA A 13 -3.44 -18.60 -2.41
C ALA A 13 -4.24 -18.95 -3.66
N CYS A 14 -4.53 -17.98 -4.53
CA CYS A 14 -5.29 -18.25 -5.75
C CYS A 14 -4.49 -18.03 -7.02
N MET A 15 -3.26 -17.51 -6.91
CA MET A 15 -2.47 -17.18 -8.08
C MET A 15 -1.81 -18.42 -8.64
N VAL A 16 -1.79 -18.53 -9.97
CA VAL A 16 -1.08 -19.60 -10.66
C VAL A 16 -0.35 -18.99 -11.84
N GLN A 17 0.58 -19.76 -12.38
CA GLN A 17 1.23 -19.45 -13.64
C GLN A 17 0.50 -20.21 -14.75
N VAL A 18 0.24 -19.53 -15.87
CA VAL A 18 -0.40 -20.16 -17.02
C VAL A 18 0.53 -20.01 -18.21
N THR A 19 0.84 -21.14 -18.86
CA THR A 19 1.76 -21.16 -20.00
C THR A 19 1.08 -21.77 -21.19
N CYS A 20 1.33 -21.20 -22.37
CA CYS A 20 0.77 -21.70 -23.63
C CYS A 20 1.81 -21.41 -24.70
N GLY A 21 2.45 -22.46 -25.20
CA GLY A 21 3.53 -22.26 -26.16
C GLY A 21 4.74 -21.62 -25.49
N SER A 22 5.22 -20.57 -26.08
CA SER A 22 6.31 -19.82 -25.55
C SER A 22 5.82 -18.69 -24.70
N MET A 23 4.54 -18.66 -24.46
CA MET A 23 3.93 -17.62 -23.69
C MET A 23 3.56 -17.95 -22.25
N THR A 24 3.82 -17.04 -21.36
CA THR A 24 3.49 -17.21 -19.96
C THR A 24 3.08 -15.94 -19.23
N LEU A 25 2.16 -16.07 -18.32
CA LEU A 25 1.58 -15.02 -17.52
C LEU A 25 0.84 -15.58 -16.31
N ASN A 26 0.25 -14.70 -15.53
CA ASN A 26 -0.52 -15.04 -14.37
C ASN A 26 -1.99 -15.43 -14.56
N GLY A 27 -2.44 -16.32 -13.71
CA GLY A 27 -3.79 -16.78 -13.64
C GLY A 27 -4.42 -16.76 -12.27
N LEU A 28 -5.75 -16.77 -12.19
CA LEU A 28 -6.48 -16.72 -10.92
C LEU A 28 -7.29 -18.00 -10.78
N TRP A 29 -6.99 -18.76 -9.75
CA TRP A 29 -7.61 -20.03 -9.46
C TRP A 29 -8.71 -19.99 -8.42
N LEU A 30 -9.93 -20.09 -8.89
CA LEU A 30 -11.12 -20.11 -8.07
C LEU A 30 -11.91 -21.37 -8.33
N ASP A 31 -12.13 -22.19 -7.32
CA ASP A 31 -12.82 -23.44 -7.49
C ASP A 31 -12.12 -24.28 -8.57
N ASN A 32 -12.84 -24.66 -9.59
CA ASN A 32 -12.29 -25.44 -10.68
C ASN A 32 -11.96 -24.64 -11.91
N THR A 33 -11.90 -23.33 -11.77
CA THR A 33 -11.76 -22.41 -12.89
C THR A 33 -10.48 -21.59 -12.72
N VAL A 34 -9.68 -21.51 -13.79
CA VAL A 34 -8.55 -20.61 -13.86
C VAL A 34 -8.85 -19.56 -14.91
N TRP A 35 -8.86 -18.29 -14.51
CA TRP A 35 -8.98 -17.18 -15.44
C TRP A 35 -7.60 -16.60 -15.74
N CYS A 36 -7.40 -16.18 -16.97
CA CYS A 36 -6.16 -15.49 -17.33
C CYS A 36 -6.44 -14.68 -18.59
N PRO A 37 -5.56 -13.74 -18.96
CA PRO A 37 -5.77 -12.97 -20.19
C PRO A 37 -5.63 -13.86 -21.42
N ARG A 38 -6.53 -13.63 -22.38
CA ARG A 38 -6.59 -14.50 -23.54
C ARG A 38 -5.39 -14.36 -24.47
N HIS A 39 -4.57 -13.31 -24.34
CA HIS A 39 -3.47 -13.20 -25.29
C HIS A 39 -2.34 -14.17 -25.00
N VAL A 40 -2.44 -14.99 -23.94
CA VAL A 40 -1.48 -16.07 -23.70
C VAL A 40 -1.54 -17.13 -24.80
N MET A 41 -2.64 -17.21 -25.55
CA MET A 41 -2.74 -18.11 -26.69
C MET A 41 -1.97 -17.61 -27.89
N CYS A 42 -1.66 -16.34 -27.93
CA CYS A 42 -1.11 -15.78 -29.15
C CYS A 42 0.42 -15.82 -29.11
N PRO A 43 1.08 -16.27 -30.17
CA PRO A 43 2.53 -16.08 -30.26
C PRO A 43 2.90 -14.61 -30.43
N ALA A 44 4.08 -14.25 -29.93
CA ALA A 44 4.50 -12.86 -29.92
C ALA A 44 4.63 -12.26 -31.32
N ASP A 45 4.79 -13.04 -32.36
CA ASP A 45 4.84 -12.49 -33.70
C ASP A 45 3.49 -11.85 -34.07
N GLN A 46 2.43 -12.51 -33.65
CA GLN A 46 1.07 -12.13 -33.94
C GLN A 46 0.29 -11.23 -33.04
N LEU A 47 0.90 -10.71 -31.99
CA LEU A 47 0.20 -9.89 -31.07
C LEU A 47 -0.40 -8.62 -31.61
N SER A 48 0.16 -8.08 -32.66
CA SER A 48 -0.38 -6.92 -33.29
C SER A 48 -1.75 -7.13 -33.90
N ASP A 49 -2.06 -8.29 -34.44
CA ASP A 49 -3.35 -8.56 -35.03
C ASP A 49 -3.82 -9.97 -34.75
N PRO A 50 -4.03 -10.29 -33.41
CA PRO A 50 -4.37 -11.69 -33.16
C PRO A 50 -5.71 -12.19 -33.61
N ASN A 51 -5.77 -13.40 -34.12
CA ASN A 51 -7.02 -14.01 -34.51
C ASN A 51 -7.47 -14.91 -33.38
N TYR A 52 -8.11 -14.33 -32.40
CA TYR A 52 -8.42 -15.02 -31.16
C TYR A 52 -9.42 -16.17 -31.36
N ASP A 53 -10.40 -15.99 -32.26
CA ASP A 53 -11.35 -17.09 -32.52
C ASP A 53 -10.64 -18.32 -33.08
N ALA A 54 -9.71 -18.10 -34.00
CA ALA A 54 -8.98 -19.22 -34.61
C ALA A 54 -7.97 -19.83 -33.64
N LEU A 55 -7.32 -19.00 -32.83
CA LEU A 55 -6.39 -19.51 -31.83
C LEU A 55 -7.11 -20.45 -30.88
N LEU A 56 -8.29 -20.04 -30.40
CA LEU A 56 -9.04 -20.82 -29.43
C LEU A 56 -9.37 -22.21 -29.98
N ILE A 57 -9.85 -22.28 -31.22
CA ILE A 57 -10.26 -23.56 -31.80
C ILE A 57 -9.04 -24.47 -32.00
N SER A 58 -7.88 -23.89 -32.33
CA SER A 58 -6.70 -24.71 -32.54
C SER A 58 -6.08 -25.21 -31.24
N MET A 59 -6.53 -24.73 -30.09
CA MET A 59 -5.97 -25.14 -28.81
C MET A 59 -6.66 -26.40 -28.33
N THR A 60 -5.88 -27.28 -27.71
CA THR A 60 -6.42 -28.40 -26.96
C THR A 60 -6.18 -28.16 -25.47
N ASN A 61 -6.84 -28.97 -24.64
CA ASN A 61 -6.64 -28.85 -23.21
C ASN A 61 -5.18 -29.03 -22.83
N HIS A 62 -4.42 -29.80 -23.61
CA HIS A 62 -2.98 -29.96 -23.39
C HIS A 62 -2.17 -28.77 -23.89
N SER A 63 -2.79 -27.83 -24.60
CA SER A 63 -2.03 -26.64 -25.02
C SER A 63 -1.69 -25.75 -23.83
N PHE A 64 -2.41 -25.90 -22.72
CA PHE A 64 -2.26 -25.07 -21.54
C PHE A 64 -1.56 -25.84 -20.43
N SER A 65 -0.55 -25.22 -19.83
CA SER A 65 0.07 -25.74 -18.63
C SER A 65 -0.19 -24.76 -17.50
N VAL A 66 -0.93 -25.20 -16.48
CA VAL A 66 -1.17 -24.40 -15.29
C VAL A 66 -0.34 -24.98 -14.15
N GLN A 67 0.51 -24.14 -13.56
CA GLN A 67 1.38 -24.52 -12.45
C GLN A 67 1.10 -23.64 -11.23
N LYS A 68 0.87 -24.27 -10.08
CA LYS A 68 0.74 -23.58 -8.81
C LYS A 68 2.09 -23.58 -8.11
N HIS A 69 2.56 -22.41 -7.69
CA HIS A 69 3.87 -22.26 -7.06
C HIS A 69 3.77 -21.93 -5.59
N ILE A 70 2.90 -20.99 -5.21
CA ILE A 70 2.75 -20.63 -3.81
C ILE A 70 2.38 -21.87 -3.02
N GLY A 71 3.14 -22.14 -1.97
CA GLY A 71 2.84 -23.28 -1.12
C GLY A 71 3.30 -24.56 -1.77
N ALA A 72 2.40 -25.52 -1.88
CA ALA A 72 2.77 -26.78 -2.50
C ALA A 72 2.47 -26.95 -3.99
N PRO A 73 3.59 -26.96 -4.69
CA PRO A 73 3.72 -27.01 -6.12
C PRO A 73 3.09 -28.19 -6.76
N ALA A 74 2.40 -27.86 -7.82
CA ALA A 74 1.67 -28.82 -8.53
C ALA A 74 1.33 -28.28 -9.88
N ASN A 75 1.08 -29.20 -10.76
CA ASN A 75 0.66 -28.87 -12.05
C ASN A 75 -0.83 -29.10 -11.98
N LEU A 76 -1.64 -28.22 -12.52
CA LEU A 76 -3.07 -28.41 -12.52
C LEU A 76 -3.48 -28.83 -13.93
N ARG A 77 -4.08 -29.99 -14.08
CA ARG A 77 -4.46 -30.50 -15.39
C ARG A 77 -5.67 -29.75 -15.94
N VAL A 78 -5.56 -29.29 -17.19
CA VAL A 78 -6.66 -28.59 -17.85
C VAL A 78 -7.60 -29.61 -18.49
N VAL A 79 -8.89 -29.52 -18.17
CA VAL A 79 -9.87 -30.44 -18.76
C VAL A 79 -11.01 -29.67 -19.45
N GLY A 80 -10.83 -28.38 -19.66
CA GLY A 80 -11.81 -27.58 -20.37
C GLY A 80 -11.27 -26.20 -20.65
N HIS A 81 -11.61 -25.61 -21.79
CA HIS A 81 -11.14 -24.27 -22.07
C HIS A 81 -12.17 -23.52 -22.89
N ALA A 82 -12.44 -22.28 -22.45
CA ALA A 82 -13.37 -21.39 -23.11
C ALA A 82 -12.83 -19.96 -23.06
N MET A 83 -13.39 -19.11 -23.91
CA MET A 83 -13.04 -17.70 -24.00
C MET A 83 -14.24 -16.86 -23.59
N GLN A 84 -13.99 -15.80 -22.82
CA GLN A 84 -15.05 -14.89 -22.41
C GLN A 84 -14.52 -13.47 -22.51
N GLY A 85 -14.92 -12.77 -23.57
CA GLY A 85 -14.34 -11.45 -23.84
C GLY A 85 -12.85 -11.56 -24.00
N THR A 86 -12.11 -10.75 -23.23
CA THR A 86 -10.66 -10.74 -23.31
C THR A 86 -10.00 -11.72 -22.35
N LEU A 87 -10.77 -12.54 -21.64
CA LEU A 87 -10.25 -13.50 -20.67
C LEU A 87 -10.42 -14.94 -21.16
N LEU A 88 -9.49 -15.79 -20.74
CA LEU A 88 -9.63 -17.24 -20.84
C LEU A 88 -10.20 -17.81 -19.55
N LYS A 89 -11.09 -18.78 -19.69
CA LYS A 89 -11.72 -19.45 -18.55
C LYS A 89 -11.36 -20.91 -18.72
N LEU A 90 -10.29 -21.35 -18.03
CA LEU A 90 -9.82 -22.72 -18.09
C LEU A 90 -10.42 -23.55 -16.96
N THR A 91 -10.80 -24.78 -17.27
CA THR A 91 -11.30 -25.69 -16.25
C THR A 91 -10.19 -26.66 -15.88
N VAL A 92 -9.89 -26.76 -14.60
CA VAL A 92 -8.91 -27.71 -14.09
C VAL A 92 -9.66 -28.76 -13.28
N ASP A 93 -9.01 -29.90 -13.06
CA ASP A 93 -9.68 -30.97 -12.36
C ASP A 93 -9.61 -30.84 -10.83
N VAL A 94 -8.62 -30.13 -10.29
CA VAL A 94 -8.47 -29.92 -8.85
C VAL A 94 -9.12 -28.60 -8.45
N ALA A 95 -10.09 -28.66 -7.54
CA ALA A 95 -10.70 -27.46 -7.00
C ALA A 95 -9.75 -26.78 -6.00
N ASN A 96 -9.64 -25.44 -6.11
CA ASN A 96 -8.79 -24.69 -5.20
C ASN A 96 -9.34 -24.85 -3.79
N PRO A 97 -8.61 -25.52 -2.90
CA PRO A 97 -9.13 -25.74 -1.55
C PRO A 97 -9.12 -24.50 -0.67
N SER A 98 -8.52 -23.39 -1.14
CA SER A 98 -8.52 -22.12 -0.43
C SER A 98 -9.29 -21.04 -1.20
N THR A 99 -10.35 -21.41 -1.93
CA THR A 99 -11.12 -20.40 -2.65
C THR A 99 -11.84 -19.50 -1.66
N PRO A 100 -11.62 -18.18 -1.69
CA PRO A 100 -12.37 -17.28 -0.81
C PRO A 100 -13.81 -17.09 -1.30
N ALA A 101 -14.65 -16.63 -0.38
CA ALA A 101 -15.92 -16.07 -0.81
C ALA A 101 -15.64 -14.91 -1.74
N TYR A 102 -16.28 -14.89 -2.91
CA TYR A 102 -15.94 -13.84 -3.86
C TYR A 102 -17.14 -13.47 -4.72
N THR A 103 -17.08 -12.25 -5.25
CA THR A 103 -17.95 -11.76 -6.32
C THR A 103 -17.10 -11.24 -7.47
N PHE A 104 -17.76 -11.00 -8.61
CA PHE A 104 -17.18 -10.44 -9.83
C PHE A 104 -17.95 -9.16 -10.19
N THR A 105 -17.59 -8.01 -9.62
CA THR A 105 -18.30 -6.77 -9.95
C THR A 105 -17.33 -5.74 -10.55
N THR A 106 -17.76 -5.13 -11.66
CA THR A 106 -17.00 -4.09 -12.33
C THR A 106 -16.98 -2.81 -11.48
N VAL A 107 -15.81 -2.15 -11.40
CA VAL A 107 -15.68 -0.94 -10.60
C VAL A 107 -15.90 0.28 -11.48
N LYS A 108 -16.36 1.36 -10.87
CA LYS A 108 -16.61 2.59 -11.57
C LYS A 108 -15.45 3.56 -11.37
N PRO A 109 -15.33 4.55 -12.25
CA PRO A 109 -14.30 5.59 -12.05
C PRO A 109 -14.41 6.22 -10.67
N GLY A 110 -13.26 6.46 -10.04
CA GLY A 110 -13.20 7.00 -8.69
C GLY A 110 -13.14 5.98 -7.58
N ALA A 111 -13.48 4.73 -7.87
CA ALA A 111 -13.34 3.69 -6.85
C ALA A 111 -11.90 3.24 -6.72
N ALA A 112 -11.53 2.85 -5.50
CA ALA A 112 -10.20 2.37 -5.19
C ALA A 112 -10.21 0.86 -5.01
N PHE A 113 -9.10 0.22 -5.34
CA PHE A 113 -8.96 -1.21 -5.10
C PHE A 113 -7.48 -1.56 -4.98
N SER A 114 -7.26 -2.72 -4.40
CA SER A 114 -5.94 -3.25 -4.14
C SER A 114 -5.49 -4.13 -5.30
N VAL A 115 -4.20 -4.10 -5.59
CA VAL A 115 -3.59 -4.91 -6.65
C VAL A 115 -2.54 -5.81 -6.02
N LEU A 116 -2.64 -7.10 -6.30
CA LEU A 116 -1.54 -8.03 -6.07
C LEU A 116 -0.76 -8.17 -7.38
N ALA A 117 0.43 -7.57 -7.45
CA ALA A 117 1.28 -7.73 -8.63
C ALA A 117 2.00 -9.07 -8.56
N CYS A 118 2.02 -9.81 -9.66
CA CYS A 118 2.62 -11.15 -9.69
C CYS A 118 3.49 -11.33 -10.93
N TYR A 119 4.39 -12.30 -10.84
CA TYR A 119 5.27 -12.64 -11.96
C TYR A 119 5.39 -14.15 -12.04
N ASN A 120 4.94 -14.72 -13.17
CA ASN A 120 4.96 -16.18 -13.38
C ASN A 120 4.31 -16.95 -12.23
N GLY A 121 3.19 -16.43 -11.73
CA GLY A 121 2.46 -17.08 -10.66
C GLY A 121 2.97 -16.84 -9.25
N ARG A 122 3.92 -15.94 -9.05
CA ARG A 122 4.41 -15.64 -7.71
C ARG A 122 4.09 -14.19 -7.34
N PRO A 123 3.37 -13.93 -6.24
CA PRO A 123 3.12 -12.56 -5.82
C PRO A 123 4.41 -11.86 -5.44
N THR A 124 4.56 -10.63 -5.93
CA THR A 124 5.75 -9.86 -5.61
C THR A 124 5.49 -8.57 -4.87
N GLY A 125 4.31 -7.95 -5.01
CA GLY A 125 4.04 -6.71 -4.30
C GLY A 125 2.57 -6.36 -4.31
N THR A 126 2.20 -5.43 -3.44
CA THR A 126 0.81 -4.99 -3.39
C THR A 126 0.76 -3.47 -3.20
N PHE A 127 -0.31 -2.87 -3.73
CA PHE A 127 -0.49 -1.41 -3.77
C PHE A 127 -1.96 -1.11 -4.09
N THR A 128 -2.35 0.15 -3.88
CA THR A 128 -3.72 0.56 -4.16
C THR A 128 -3.73 1.55 -5.32
N VAL A 129 -4.79 1.46 -6.13
CA VAL A 129 -5.00 2.31 -7.29
C VAL A 129 -6.44 2.80 -7.23
N VAL A 130 -6.73 3.83 -8.01
CA VAL A 130 -8.11 4.21 -8.21
C VAL A 130 -8.35 4.26 -9.71
N MET A 131 -9.54 3.84 -10.11
CA MET A 131 -9.91 3.79 -11.50
C MET A 131 -10.20 5.21 -12.00
N ARG A 132 -9.43 5.69 -12.96
CA ARG A 132 -9.62 7.07 -13.40
C ARG A 132 -10.82 7.18 -14.31
N PRO A 133 -11.34 8.40 -14.51
CA PRO A 133 -12.47 8.57 -15.44
C PRO A 133 -12.15 8.19 -16.88
N ASN A 134 -10.87 8.07 -17.24
CA ASN A 134 -10.48 7.56 -18.56
C ASN A 134 -10.18 6.06 -18.54
N TYR A 135 -10.63 5.35 -17.50
CA TYR A 135 -10.54 3.88 -17.39
C TYR A 135 -9.10 3.39 -17.47
N THR A 136 -8.19 4.15 -16.87
CA THR A 136 -6.82 3.72 -16.65
C THR A 136 -6.52 3.79 -15.16
N ILE A 137 -5.45 3.09 -14.77
CA ILE A 137 -4.93 3.13 -13.41
C ILE A 137 -3.43 3.37 -13.50
N LYS A 138 -2.86 3.74 -12.36
CA LYS A 138 -1.51 4.24 -12.26
C LYS A 138 -0.81 3.49 -11.15
N GLY A 139 -0.53 2.22 -11.37
CA GLY A 139 0.20 1.47 -10.36
C GLY A 139 1.64 1.24 -10.74
N SER A 140 2.18 0.08 -10.39
CA SER A 140 3.53 -0.30 -10.82
C SER A 140 3.49 -1.73 -11.39
N PHE A 141 3.45 -1.84 -12.72
CA PHE A 141 3.34 -3.11 -13.44
C PHE A 141 4.54 -3.25 -14.36
N LEU A 142 5.34 -4.28 -14.15
CA LEU A 142 6.52 -4.51 -14.96
C LEU A 142 6.31 -5.66 -15.94
N CYS A 143 7.38 -6.07 -16.61
CA CYS A 143 7.34 -7.23 -17.48
C CYS A 143 6.82 -8.45 -16.72
N GLY A 144 5.93 -9.21 -17.36
CA GLY A 144 5.38 -10.40 -16.73
C GLY A 144 4.20 -10.22 -15.80
N SER A 145 3.65 -9.01 -15.68
CA SER A 145 2.61 -8.75 -14.69
C SER A 145 1.19 -9.01 -15.18
N CYS A 146 0.98 -9.25 -16.49
CA CYS A 146 -0.36 -9.59 -16.99
C CYS A 146 -0.94 -10.76 -16.21
N GLY A 147 -2.24 -10.68 -15.93
CA GLY A 147 -2.88 -11.64 -15.05
C GLY A 147 -2.88 -11.25 -13.59
N SER A 148 -2.08 -10.26 -13.18
CA SER A 148 -2.19 -9.72 -11.84
C SER A 148 -3.59 -9.16 -11.62
N VAL A 149 -4.01 -9.15 -10.37
CA VAL A 149 -5.42 -9.14 -10.02
C VAL A 149 -5.69 -7.97 -9.09
N GLY A 150 -6.83 -7.33 -9.33
CA GLY A 150 -7.27 -6.18 -8.54
C GLY A 150 -8.57 -6.50 -7.81
N TYR A 151 -8.66 -6.05 -6.57
CA TYR A 151 -9.82 -6.47 -5.75
C TYR A 151 -10.12 -5.58 -4.57
N THR A 152 -11.33 -5.73 -4.05
CA THR A 152 -11.76 -5.04 -2.83
C THR A 152 -12.30 -6.13 -1.91
N LYS A 153 -12.36 -5.84 -0.61
CA LYS A 153 -12.87 -6.82 0.37
C LYS A 153 -13.92 -6.19 1.26
N GLU A 154 -15.09 -6.80 1.32
CA GLU A 154 -16.13 -6.36 2.24
C GLU A 154 -16.46 -7.52 3.16
N GLY A 155 -16.13 -7.38 4.44
CA GLY A 155 -16.27 -8.49 5.36
C GLY A 155 -15.36 -9.64 4.95
N SER A 156 -15.96 -10.81 4.71
CA SER A 156 -15.21 -11.97 4.25
C SER A 156 -15.24 -12.13 2.74
N VAL A 157 -16.02 -11.31 2.01
CA VAL A 157 -16.18 -11.49 0.58
C VAL A 157 -15.15 -10.64 -0.17
N ILE A 158 -14.42 -11.28 -1.08
CA ILE A 158 -13.50 -10.63 -2.01
C ILE A 158 -14.26 -10.26 -3.26
N ASN A 159 -14.22 -9.00 -3.66
CA ASN A 159 -14.76 -8.62 -4.96
C ASN A 159 -13.61 -8.46 -5.94
N PHE A 160 -13.48 -9.41 -6.88
CA PHE A 160 -12.47 -9.30 -7.93
C PHE A 160 -12.96 -8.35 -9.03
N CYS A 161 -12.16 -7.32 -9.33
CA CYS A 161 -12.61 -6.30 -10.28
C CYS A 161 -11.64 -6.04 -11.43
N TYR A 162 -10.41 -6.53 -11.37
CA TYR A 162 -9.40 -6.14 -12.36
C TYR A 162 -8.43 -7.29 -12.58
N MET A 163 -8.17 -7.60 -13.84
CA MET A 163 -7.14 -8.51 -14.36
C MET A 163 -6.27 -7.69 -15.35
N HIS A 164 -5.00 -7.52 -14.99
CA HIS A 164 -4.06 -6.67 -15.75
C HIS A 164 -3.69 -7.21 -17.13
N GLN A 165 -3.73 -6.33 -18.10
CA GLN A 165 -3.48 -6.73 -19.51
C GLN A 165 -2.46 -5.84 -20.18
N MET A 166 -2.37 -4.56 -19.82
CA MET A 166 -1.53 -3.67 -20.64
C MET A 166 -1.01 -2.35 -20.06
N GLU A 167 0.05 -1.85 -20.69
CA GLU A 167 0.62 -0.53 -20.34
C GLU A 167 0.55 0.42 -21.54
N LEU A 168 -0.11 1.54 -21.36
CA LEU A 168 -0.20 2.56 -22.43
C LEU A 168 1.11 3.37 -22.46
N ALA A 169 1.42 3.98 -23.59
CA ALA A 169 2.65 4.79 -23.75
C ALA A 169 2.74 5.88 -22.68
N ASN A 170 1.63 6.24 -22.06
CA ASN A 170 1.52 7.21 -21.00
C ASN A 170 2.09 6.73 -19.67
N GLY A 171 2.46 5.48 -19.57
CA GLY A 171 2.90 4.86 -18.33
C GLY A 171 1.78 4.35 -17.47
N THR A 172 0.54 4.66 -17.85
CA THR A 172 -0.73 4.27 -17.25
C THR A 172 -1.10 2.82 -17.68
N HIS A 173 -2.07 2.22 -17.00
CA HIS A 173 -2.35 0.79 -17.15
C HIS A 173 -3.84 0.52 -17.26
N THR A 174 -4.19 -0.57 -17.97
CA THR A 174 -5.57 -1.04 -17.95
C THR A 174 -5.62 -2.56 -18.11
N GLY A 175 -6.83 -3.08 -17.97
CA GLY A 175 -7.08 -4.50 -17.98
C GLY A 175 -8.57 -4.79 -18.04
N SER A 176 -8.93 -6.02 -17.72
CA SER A 176 -10.29 -6.51 -17.90
C SER A 176 -11.04 -6.57 -16.57
N ALA A 177 -12.35 -6.42 -16.64
CA ALA A 177 -13.20 -6.96 -15.58
C ALA A 177 -13.34 -8.45 -15.79
N PHE A 178 -13.79 -9.15 -14.75
CA PHE A 178 -13.91 -10.60 -14.82
C PHE A 178 -15.16 -11.06 -15.55
N ASP A 179 -15.96 -10.14 -16.11
CA ASP A 179 -16.90 -10.53 -17.14
C ASP A 179 -16.23 -10.58 -18.52
N GLY A 180 -14.96 -10.21 -18.62
CA GLY A 180 -14.22 -10.27 -19.86
C GLY A 180 -14.12 -8.97 -20.62
N THR A 181 -14.93 -7.96 -20.28
CA THR A 181 -14.84 -6.69 -20.97
C THR A 181 -13.64 -5.90 -20.44
N MET A 182 -13.02 -5.16 -21.34
CA MET A 182 -11.85 -4.34 -21.04
C MET A 182 -12.29 -2.99 -20.49
N TYR A 183 -11.66 -2.54 -19.42
CA TYR A 183 -11.98 -1.20 -18.95
C TYR A 183 -11.68 -0.19 -20.05
N GLY A 184 -12.62 0.71 -20.30
CA GLY A 184 -12.43 1.70 -21.34
C GLY A 184 -12.43 1.16 -22.75
N ALA A 185 -12.78 -0.08 -22.93
CA ALA A 185 -12.80 -0.68 -24.24
C ALA A 185 -11.49 -0.61 -25.03
N PHE A 186 -10.38 -0.68 -24.35
CA PHE A 186 -9.10 -0.71 -24.96
C PHE A 186 -9.04 -2.07 -25.58
N MET A 187 -8.31 -2.23 -26.64
CA MET A 187 -8.18 -3.51 -27.28
C MET A 187 -6.95 -4.25 -26.82
N ASP A 188 -7.06 -5.55 -26.69
CA ASP A 188 -5.96 -6.40 -26.30
C ASP A 188 -5.07 -6.87 -27.44
N LYS A 189 -4.42 -5.93 -28.08
CA LYS A 189 -3.50 -6.22 -29.19
C LYS A 189 -2.26 -5.37 -29.00
N GLN A 190 -1.16 -5.74 -29.65
CA GLN A 190 0.10 -4.99 -29.52
C GLN A 190 0.03 -3.81 -30.49
N VAL A 191 -0.79 -2.83 -30.15
CA VAL A 191 -1.00 -1.64 -31.00
C VAL A 191 -0.99 -0.40 -30.12
N HIS A 192 -0.61 0.71 -30.70
CA HIS A 192 -0.68 2.02 -30.03
C HIS A 192 -2.13 2.43 -29.80
N GLN A 193 -2.46 2.81 -28.57
CA GLN A 193 -3.78 3.31 -28.25
C GLN A 193 -3.66 4.53 -27.35
N VAL A 194 -4.44 5.57 -27.66
CA VAL A 194 -4.49 6.77 -26.82
C VAL A 194 -5.73 6.73 -25.94
N GLN A 195 -5.52 6.92 -24.63
CA GLN A 195 -6.64 7.02 -23.71
C GLN A 195 -7.40 8.31 -23.96
N LEU A 196 -8.61 8.39 -23.38
CA LEU A 196 -9.41 9.60 -23.40
C LEU A 196 -8.89 10.59 -22.35
N THR A 197 -9.46 11.79 -22.35
CA THR A 197 -9.00 12.82 -21.42
C THR A 197 -9.37 12.43 -20.00
N ASP A 198 -8.47 12.71 -19.06
CA ASP A 198 -8.78 12.45 -17.67
C ASP A 198 -9.74 13.52 -17.13
N LYS A 199 -10.27 13.26 -15.95
CA LYS A 199 -11.03 14.23 -15.19
C LYS A 199 -10.66 14.08 -13.72
N TYR A 200 -10.94 15.12 -12.95
CA TYR A 200 -10.91 14.98 -11.50
C TYR A 200 -12.15 14.22 -11.02
N CYS A 201 -11.95 13.29 -10.08
CA CYS A 201 -13.06 12.58 -9.46
C CYS A 201 -13.65 13.46 -8.38
N SER A 202 -14.79 14.09 -8.71
CA SER A 202 -15.36 15.14 -7.85
C SER A 202 -15.63 14.63 -6.44
N VAL A 203 -16.23 13.45 -6.33
CA VAL A 203 -16.65 12.96 -5.02
C VAL A 203 -15.44 12.69 -4.12
N ASN A 204 -14.27 12.41 -4.73
CA ASN A 204 -13.07 12.16 -3.95
C ASN A 204 -12.38 13.45 -3.52
N VAL A 205 -12.45 14.50 -4.34
CA VAL A 205 -11.95 15.80 -3.90
C VAL A 205 -12.71 16.27 -2.66
N VAL A 206 -14.04 16.16 -2.69
CA VAL A 206 -14.87 16.43 -1.53
C VAL A 206 -14.39 15.65 -0.31
N ALA A 207 -14.12 14.33 -0.48
CA ALA A 207 -13.69 13.53 0.67
C ALA A 207 -12.38 14.04 1.24
N TRP A 208 -11.44 14.38 0.36
CA TRP A 208 -10.15 14.88 0.80
C TRP A 208 -10.29 16.22 1.52
N LEU A 209 -11.19 17.08 1.05
CA LEU A 209 -11.39 18.35 1.76
C LEU A 209 -11.99 18.11 3.14
N TYR A 210 -12.94 17.17 3.25
CA TYR A 210 -13.44 16.80 4.57
C TYR A 210 -12.30 16.32 5.45
N ALA A 211 -11.36 15.56 4.88
CA ALA A 211 -10.22 15.10 5.65
C ALA A 211 -9.36 16.28 6.08
N ALA A 212 -9.21 17.27 5.20
CA ALA A 212 -8.50 18.48 5.58
C ALA A 212 -9.15 19.14 6.80
N ILE A 213 -10.49 19.24 6.78
CA ILE A 213 -11.20 19.90 7.85
C ILE A 213 -11.00 19.16 9.16
N LEU A 214 -11.22 17.84 9.15
CA LEU A 214 -11.04 17.04 10.35
C LEU A 214 -9.65 17.20 10.95
N ASN A 215 -8.63 17.44 10.13
CA ASN A 215 -7.29 17.60 10.65
C ASN A 215 -6.91 19.04 10.94
N GLY A 216 -7.88 19.96 10.99
CA GLY A 216 -7.60 21.33 11.35
C GLY A 216 -7.21 22.27 10.23
N CYS A 217 -7.45 21.88 8.97
CA CYS A 217 -7.11 22.71 7.82
C CYS A 217 -8.42 23.09 7.14
N ALA A 218 -8.91 24.31 7.41
CA ALA A 218 -10.21 24.68 6.90
C ALA A 218 -10.27 26.10 6.34
N TRP A 219 -9.12 26.70 6.02
CA TRP A 219 -9.11 28.07 5.50
C TRP A 219 -10.00 28.23 4.27
N PHE A 220 -10.19 27.16 3.51
CA PHE A 220 -10.91 27.24 2.24
C PHE A 220 -12.42 27.19 2.41
N VAL A 221 -12.90 26.89 3.62
CA VAL A 221 -14.33 26.84 3.86
C VAL A 221 -14.88 28.26 4.00
N LYS A 222 -15.90 28.55 3.22
CA LYS A 222 -16.65 29.81 3.21
C LYS A 222 -18.12 29.47 3.50
N PRO A 223 -18.93 30.45 3.89
CA PRO A 223 -20.37 30.18 3.98
C PRO A 223 -20.98 29.83 2.64
N ASN A 224 -20.40 30.35 1.56
CA ASN A 224 -20.96 30.24 0.22
C ASN A 224 -21.15 28.79 -0.21
N ARG A 225 -22.17 28.58 -1.04
CA ARG A 225 -22.60 27.26 -1.43
C ARG A 225 -22.88 27.22 -2.93
N THR A 226 -22.54 26.10 -3.54
CA THR A 226 -22.98 25.77 -4.90
C THR A 226 -23.83 24.50 -4.82
N SER A 227 -25.00 24.54 -5.43
CA SER A 227 -25.86 23.36 -5.46
C SER A 227 -25.23 22.21 -6.26
N VAL A 228 -25.70 20.99 -5.97
CA VAL A 228 -25.20 19.83 -6.72
C VAL A 228 -25.47 19.99 -8.22
N VAL A 229 -26.66 20.47 -8.57
CA VAL A 229 -27.02 20.63 -9.97
C VAL A 229 -26.14 21.69 -10.63
N SER A 230 -25.94 22.82 -9.94
CA SER A 230 -25.11 23.87 -10.49
C SER A 230 -23.66 23.42 -10.60
N PHE A 231 -23.14 22.76 -9.56
CA PHE A 231 -21.78 22.22 -9.65
C PHE A 231 -21.65 21.26 -10.82
N ASN A 232 -22.64 20.39 -11.02
CA ASN A 232 -22.48 19.37 -12.05
C ASN A 232 -22.47 19.96 -13.45
N GLU A 233 -23.23 21.03 -13.70
CA GLU A 233 -23.14 21.67 -15.01
C GLU A 233 -21.78 22.37 -15.18
N TRP A 234 -21.23 22.89 -14.08
CA TRP A 234 -19.87 23.43 -14.09
C TRP A 234 -18.84 22.34 -14.35
N ALA A 235 -19.04 21.17 -13.72
CA ALA A 235 -18.09 20.05 -13.87
C ALA A 235 -17.93 19.65 -15.33
N LEU A 236 -19.03 19.68 -16.09
CA LEU A 236 -18.96 19.34 -17.51
C LEU A 236 -18.02 20.27 -18.27
N ALA A 237 -17.90 21.53 -17.84
CA ALA A 237 -17.06 22.49 -18.54
C ALA A 237 -15.60 22.47 -18.09
N ASN A 238 -15.29 21.82 -16.97
CA ASN A 238 -13.99 22.06 -16.34
C ASN A 238 -13.27 20.75 -16.00
N GLN A 239 -13.62 19.65 -16.66
CA GLN A 239 -12.95 18.36 -16.48
C GLN A 239 -13.10 17.81 -15.05
N PHE A 240 -14.31 17.89 -14.53
CA PHE A 240 -14.66 17.20 -13.29
C PHE A 240 -15.78 16.21 -13.60
N THR A 241 -15.77 15.08 -12.89
CA THR A 241 -16.87 14.14 -12.95
C THR A 241 -18.09 14.70 -12.24
N GLU A 242 -19.24 14.16 -12.63
CA GLU A 242 -20.46 14.51 -11.92
C GLU A 242 -20.34 14.09 -10.47
N PHE A 243 -20.70 15.00 -9.57
CA PHE A 243 -20.75 14.67 -8.15
C PHE A 243 -22.02 13.87 -7.87
N VAL A 244 -21.84 12.66 -7.32
CA VAL A 244 -22.93 11.84 -6.82
C VAL A 244 -22.69 11.61 -5.34
N GLY A 245 -23.60 12.09 -4.50
CA GLY A 245 -23.45 11.90 -3.08
C GLY A 245 -23.76 10.47 -2.65
N THR A 246 -23.14 10.07 -1.54
CA THR A 246 -23.38 8.77 -0.94
C THR A 246 -23.53 8.96 0.57
N GLN A 247 -24.01 7.91 1.24
CA GLN A 247 -24.10 7.93 2.69
C GLN A 247 -22.73 8.20 3.32
N SER A 248 -21.70 7.62 2.73
CA SER A 248 -20.34 7.83 3.22
C SER A 248 -19.98 9.32 3.26
N VAL A 249 -20.42 10.08 2.25
CA VAL A 249 -20.13 11.52 2.23
C VAL A 249 -20.88 12.20 3.36
N ASP A 250 -22.20 12.01 3.41
CA ASP A 250 -23.06 12.59 4.45
C ASP A 250 -22.52 12.37 5.84
N MET A 251 -21.85 11.24 6.08
CA MET A 251 -21.27 11.03 7.41
C MET A 251 -20.20 12.06 7.70
N LEU A 252 -19.44 12.44 6.68
CA LEU A 252 -18.39 13.43 6.88
C LEU A 252 -18.96 14.83 7.05
N ALA A 253 -20.06 15.13 6.35
CA ALA A 253 -20.77 16.39 6.56
C ALA A 253 -21.18 16.55 8.01
N VAL A 254 -21.69 15.48 8.60
CA VAL A 254 -22.25 15.55 9.96
C VAL A 254 -21.14 15.68 10.99
N LYS A 255 -20.08 14.87 10.85
CA LYS A 255 -18.97 15.01 11.78
C LYS A 255 -18.36 16.41 11.74
N THR A 256 -18.28 17.02 10.55
CA THR A 256 -17.62 18.31 10.42
C THR A 256 -18.58 19.50 10.56
N GLY A 257 -19.85 19.31 10.23
CA GLY A 257 -20.77 20.42 10.18
C GLY A 257 -20.66 21.27 8.94
N VAL A 258 -19.77 20.91 8.02
CA VAL A 258 -19.57 21.64 6.77
C VAL A 258 -20.34 20.91 5.69
N ALA A 259 -21.32 21.59 5.10
CA ALA A 259 -22.19 20.90 4.16
C ALA A 259 -21.49 20.63 2.83
N ILE A 260 -22.03 19.66 2.09
CA ILE A 260 -21.44 19.25 0.82
C ILE A 260 -21.34 20.44 -0.12
N GLU A 261 -22.40 21.23 -0.18
CA GLU A 261 -22.46 22.37 -1.09
C GLU A 261 -21.43 23.45 -0.75
N GLN A 262 -20.99 23.52 0.51
CA GLN A 262 -19.86 24.40 0.83
C GLN A 262 -18.58 23.88 0.16
N LEU A 263 -18.35 22.57 0.20
CA LEU A 263 -17.15 22.03 -0.44
C LEU A 263 -17.23 22.12 -1.97
N LEU A 264 -18.42 21.96 -2.57
CA LEU A 264 -18.52 22.13 -4.02
C LEU A 264 -18.15 23.55 -4.44
N TYR A 265 -18.61 24.54 -3.67
CA TYR A 265 -18.23 25.93 -3.93
C TYR A 265 -16.73 26.10 -3.78
N ALA A 266 -16.17 25.58 -2.68
CA ALA A 266 -14.73 25.70 -2.46
C ALA A 266 -13.92 25.12 -3.63
N ILE A 267 -14.34 23.95 -4.14
CA ILE A 267 -13.63 23.30 -5.25
C ILE A 267 -13.54 24.24 -6.45
N GLN A 268 -14.66 24.87 -6.80
CA GLN A 268 -14.68 25.82 -7.91
C GLN A 268 -13.64 26.91 -7.72
N GLN A 269 -13.50 27.41 -6.50
CA GLN A 269 -12.51 28.45 -6.23
C GLN A 269 -11.10 27.89 -6.20
N LEU A 270 -10.91 26.71 -5.60
CA LEU A 270 -9.58 26.13 -5.46
C LEU A 270 -9.01 25.73 -6.82
N TYR A 271 -9.86 25.25 -7.71
CA TYR A 271 -9.40 24.84 -9.02
C TYR A 271 -8.80 26.00 -9.77
N THR A 272 -9.18 27.24 -9.42
CA THR A 272 -8.65 28.50 -10.04
C THR A 272 -7.32 28.89 -9.40
N GLY A 273 -7.00 28.34 -8.23
CA GLY A 273 -5.70 28.61 -7.59
C GLY A 273 -5.72 28.59 -6.07
N PHE A 274 -4.74 27.94 -5.46
CA PHE A 274 -4.63 27.84 -3.97
C PHE A 274 -4.03 29.13 -3.39
N GLN A 275 -3.48 29.99 -4.24
CA GLN A 275 -2.90 31.29 -3.83
C GLN A 275 -1.73 31.12 -2.84
N GLY A 276 -0.89 30.11 -3.05
CA GLY A 276 0.32 29.88 -2.23
C GLY A 276 0.04 29.02 -1.04
N LYS A 277 -1.22 28.86 -0.70
CA LYS A 277 -1.64 28.11 0.51
C LYS A 277 -1.63 26.61 0.24
N GLN A 278 -1.74 25.82 1.29
CA GLN A 278 -1.69 24.34 1.15
C GLN A 278 -2.83 23.65 1.86
N ILE A 279 -3.15 22.47 1.40
CA ILE A 279 -4.21 21.65 2.01
C ILE A 279 -3.60 20.25 2.16
N LEU A 280 -3.32 19.83 3.38
CA LEU A 280 -2.74 18.50 3.67
C LEU A 280 -1.47 18.28 2.86
N GLY A 281 -0.59 19.28 2.87
CA GLY A 281 0.71 19.18 2.18
C GLY A 281 0.60 19.38 0.69
N SER A 282 -0.53 19.85 0.20
CA SER A 282 -0.69 19.88 -1.27
C SER A 282 -1.06 21.28 -1.76
N THR A 283 -0.56 21.65 -2.93
CA THR A 283 -0.88 22.95 -3.53
C THR A 283 -1.84 22.66 -4.68
N MET A 284 -2.33 21.43 -4.74
CA MET A 284 -3.24 21.00 -5.83
C MET A 284 -4.34 20.11 -5.25
N LEU A 285 -5.48 20.03 -5.94
CA LEU A 285 -6.56 19.16 -5.51
C LEU A 285 -6.11 17.70 -5.59
N GLU A 286 -6.56 16.89 -4.62
CA GLU A 286 -6.26 15.46 -4.57
C GLU A 286 -7.55 14.65 -4.73
N ASP A 287 -7.54 13.69 -5.66
CA ASP A 287 -8.75 12.90 -5.88
C ASP A 287 -8.48 11.40 -5.79
N GLU A 288 -7.37 11.00 -5.18
CA GLU A 288 -7.04 9.58 -5.02
C GLU A 288 -7.54 8.98 -3.70
N PHE A 289 -8.27 9.73 -2.89
CA PHE A 289 -8.85 9.20 -1.66
C PHE A 289 -10.37 9.31 -1.73
N THR A 290 -11.04 8.19 -1.43
CA THR A 290 -12.49 8.01 -1.48
C THR A 290 -13.12 8.39 -0.15
N PRO A 291 -14.44 8.60 -0.14
CA PRO A 291 -15.11 8.84 1.14
C PRO A 291 -14.93 7.70 2.14
N GLU A 292 -14.96 6.45 1.68
CA GLU A 292 -14.73 5.34 2.59
C GLU A 292 -13.33 5.41 3.20
N ASP A 293 -12.33 5.77 2.39
CA ASP A 293 -10.97 5.95 2.91
C ASP A 293 -10.95 6.94 4.07
N VAL A 294 -11.60 8.09 3.90
CA VAL A 294 -11.53 9.13 4.91
C VAL A 294 -12.24 8.68 6.19
N ASN A 295 -13.41 8.05 6.03
CA ASN A 295 -14.15 7.51 7.16
C ASN A 295 -13.32 6.51 7.97
N MET A 296 -12.77 5.50 7.31
CA MET A 296 -11.98 4.48 8.01
C MET A 296 -10.73 5.07 8.66
N GLN A 297 -10.07 6.02 8.01
CA GLN A 297 -8.77 6.45 8.53
C GLN A 297 -8.86 7.60 9.52
N ILE A 298 -9.94 8.36 9.53
CA ILE A 298 -10.04 9.53 10.40
C ILE A 298 -11.31 9.50 11.24
N MET A 299 -12.40 9.02 10.64
CA MET A 299 -13.74 8.85 11.26
C MET A 299 -14.46 10.19 11.47
N VAL B 2 5.27 4.97 -6.78
CA VAL B 2 4.23 4.17 -6.11
C VAL B 2 4.69 3.59 -4.77
N LYS B 3 3.84 3.71 -3.75
CA LYS B 3 4.12 3.07 -2.45
C LYS B 3 3.69 1.60 -2.52
N MET B 4 4.66 0.70 -2.60
CA MET B 4 4.42 -0.72 -2.79
C MET B 4 4.81 -1.49 -1.54
N SER B 5 3.94 -2.41 -1.11
CA SER B 5 4.19 -3.25 0.06
C SER B 5 4.47 -4.69 -0.36
N HIS B 6 5.15 -5.42 0.52
CA HIS B 6 5.32 -6.84 0.34
C HIS B 6 3.96 -7.55 0.45
N PRO B 7 3.78 -8.66 -0.25
CA PRO B 7 2.59 -9.50 0.02
C PRO B 7 2.58 -9.94 1.47
N SER B 8 1.42 -9.88 2.11
CA SER B 8 1.37 -10.04 3.56
C SER B 8 0.95 -11.43 4.03
N GLY B 9 0.70 -12.37 3.10
CA GLY B 9 0.18 -13.68 3.50
C GLY B 9 1.09 -14.43 4.47
N ASP B 10 2.39 -14.43 4.20
CA ASP B 10 3.39 -14.93 5.15
C ASP B 10 3.12 -14.47 6.58
N VAL B 11 2.92 -13.16 6.76
CA VAL B 11 2.82 -12.60 8.10
C VAL B 11 1.43 -12.76 8.69
N GLU B 12 0.38 -12.70 7.86
CA GLU B 12 -0.98 -12.97 8.33
C GLU B 12 -1.08 -14.27 9.10
N ALA B 13 -0.42 -15.33 8.61
CA ALA B 13 -0.50 -16.64 9.26
C ALA B 13 0.11 -16.64 10.67
N CYS B 14 0.80 -15.58 11.07
CA CYS B 14 1.45 -15.52 12.37
C CYS B 14 0.75 -14.61 13.37
N MET B 15 -0.30 -13.90 12.97
CA MET B 15 -0.93 -12.95 13.87
C MET B 15 -1.86 -13.69 14.82
N VAL B 16 -1.79 -13.35 16.11
CA VAL B 16 -2.70 -13.88 17.12
C VAL B 16 -3.23 -12.74 17.95
N GLN B 17 -4.26 -13.05 18.73
CA GLN B 17 -4.78 -12.13 19.73
C GLN B 17 -4.25 -12.57 21.10
N VAL B 18 -3.77 -11.60 21.87
CA VAL B 18 -3.31 -11.81 23.23
C VAL B 18 -4.20 -10.99 24.16
N THR B 19 -4.77 -11.65 25.16
CA THR B 19 -5.59 -11.02 26.19
C THR B 19 -4.96 -11.27 27.57
N CYS B 20 -4.96 -10.23 28.39
CA CYS B 20 -4.50 -10.30 29.77
C CYS B 20 -5.45 -9.46 30.59
N GLY B 21 -6.05 -10.04 31.63
CA GLY B 21 -7.12 -9.37 32.33
C GLY B 21 -8.16 -8.85 31.36
N SER B 22 -8.35 -7.53 31.31
CA SER B 22 -9.26 -6.92 30.35
C SER B 22 -8.54 -6.07 29.30
N MET B 23 -7.25 -6.32 29.08
CA MET B 23 -6.51 -5.73 27.98
C MET B 23 -6.34 -6.76 26.87
N THR B 24 -6.46 -6.32 25.61
CA THR B 24 -6.35 -7.22 24.47
C THR B 24 -5.68 -6.48 23.31
N LEU B 25 -4.74 -7.15 22.65
CA LEU B 25 -4.05 -6.58 21.49
C LEU B 25 -3.53 -7.73 20.62
N ASN B 26 -2.72 -7.42 19.61
CA ASN B 26 -2.21 -8.44 18.70
C ASN B 26 -0.85 -8.95 19.14
N GLY B 27 -0.57 -10.18 18.71
CA GLY B 27 0.74 -10.79 18.93
C GLY B 27 1.29 -11.50 17.71
N LEU B 28 2.59 -11.79 17.71
CA LEU B 28 3.25 -12.49 16.60
C LEU B 28 3.63 -13.90 17.06
N TRP B 29 3.13 -14.90 16.35
CA TRP B 29 3.41 -16.32 16.69
C TRP B 29 4.47 -16.85 15.75
N LEU B 30 5.67 -17.05 16.29
CA LEU B 30 6.77 -17.65 15.52
C LEU B 30 7.23 -18.87 16.30
N ASP B 31 7.19 -20.05 15.68
CA ASP B 31 7.56 -21.31 16.34
C ASP B 31 6.78 -21.45 17.65
N ASN B 32 7.49 -21.53 18.76
CA ASN B 32 6.85 -21.68 20.05
C ASN B 32 6.69 -20.39 20.86
N THR B 33 6.95 -19.28 20.23
CA THR B 33 6.91 -18.02 20.87
C THR B 33 5.85 -17.03 20.41
N VAL B 34 5.22 -16.34 21.32
CA VAL B 34 4.35 -15.22 20.97
C VAL B 34 4.98 -13.95 21.53
N TRP B 35 5.27 -13.01 20.64
CA TRP B 35 5.69 -11.67 21.00
C TRP B 35 4.48 -10.76 21.02
N CYS B 36 4.43 -9.87 22.01
CA CYS B 36 3.39 -8.87 22.10
C CYS B 36 3.86 -7.72 22.99
N PRO B 37 3.25 -6.54 22.90
CA PRO B 37 3.69 -5.43 23.76
C PRO B 37 3.40 -5.74 25.21
N ARG B 38 4.30 -5.28 26.07
CA ARG B 38 4.18 -5.67 27.47
C ARG B 38 3.04 -4.96 28.19
N HIS B 39 2.57 -3.82 27.69
CA HIS B 39 1.54 -3.10 28.44
C HIS B 39 0.20 -3.84 28.48
N VAL B 40 0.08 -4.96 27.75
CA VAL B 40 -1.10 -5.80 27.89
C VAL B 40 -1.26 -6.27 29.33
N MET B 41 -0.15 -6.40 30.07
CA MET B 41 -0.19 -6.78 31.49
C MET B 41 -0.81 -5.70 32.37
N CYS B 42 -0.77 -4.46 31.95
CA CYS B 42 -1.02 -3.35 32.85
C CYS B 42 -2.51 -3.07 32.92
N PRO B 43 -3.15 -3.14 34.09
CA PRO B 43 -4.55 -2.70 34.20
C PRO B 43 -4.68 -1.22 33.89
N ALA B 44 -5.92 -0.80 33.64
CA ALA B 44 -6.20 0.57 33.23
C ALA B 44 -5.79 1.58 34.31
N ASP B 45 -6.12 1.30 35.58
CA ASP B 45 -5.76 2.20 36.67
C ASP B 45 -4.22 2.38 36.84
N GLN B 46 -3.37 1.80 35.98
CA GLN B 46 -1.93 1.91 36.16
C GLN B 46 -1.19 2.26 34.88
N LEU B 47 -1.88 2.49 33.80
CA LEU B 47 -1.23 2.79 32.56
C LEU B 47 -0.40 4.03 32.53
N SER B 48 -0.82 5.05 33.23
CA SER B 48 -0.10 6.27 33.29
C SER B 48 1.24 6.14 33.99
N ASP B 49 1.31 5.30 35.01
CA ASP B 49 2.49 5.09 35.80
C ASP B 49 2.71 3.62 36.15
N PRO B 50 3.09 2.78 35.10
CA PRO B 50 3.27 1.37 35.48
C PRO B 50 4.61 0.94 36.05
N ASN B 51 4.57 -0.14 36.78
CA ASN B 51 5.76 -0.79 37.30
C ASN B 51 5.73 -2.15 36.65
N TYR B 52 6.43 -2.26 35.55
CA TYR B 52 6.38 -3.46 34.72
C TYR B 52 7.04 -4.65 35.41
N ASP B 53 8.04 -4.39 36.24
CA ASP B 53 8.69 -5.49 36.94
C ASP B 53 7.78 -6.06 38.01
N ALA B 54 7.10 -5.21 38.77
CA ALA B 54 6.12 -5.73 39.71
C ALA B 54 5.01 -6.47 38.98
N LEU B 55 4.51 -5.88 37.88
CA LEU B 55 3.43 -6.52 37.13
C LEU B 55 3.86 -7.88 36.60
N LEU B 56 5.08 -7.96 36.05
CA LEU B 56 5.56 -9.24 35.52
C LEU B 56 5.61 -10.30 36.60
N ILE B 57 6.11 -9.95 37.79
CA ILE B 57 6.13 -10.91 38.90
C ILE B 57 4.72 -11.35 39.26
N SER B 58 3.75 -10.44 39.20
CA SER B 58 2.38 -10.79 39.61
C SER B 58 1.66 -11.67 38.59
N MET B 59 2.14 -11.76 37.34
CA MET B 59 1.49 -12.61 36.37
C MET B 59 1.91 -14.07 36.55
N THR B 60 1.00 -14.97 36.17
CA THR B 60 1.34 -16.37 35.93
C THR B 60 1.05 -16.69 34.46
N ASN B 61 1.45 -17.91 34.05
CA ASN B 61 1.15 -18.37 32.70
C ASN B 61 -0.33 -18.25 32.39
N HIS B 62 -1.18 -18.55 33.36
CA HIS B 62 -2.62 -18.53 33.12
C HIS B 62 -3.20 -17.12 33.02
N SER B 63 -2.49 -16.08 33.49
CA SER B 63 -2.95 -14.71 33.27
C SER B 63 -3.12 -14.39 31.79
N PHE B 64 -2.48 -15.17 30.91
CA PHE B 64 -2.35 -14.82 29.50
C PHE B 64 -3.21 -15.75 28.65
N SER B 65 -4.00 -15.16 27.76
CA SER B 65 -4.84 -15.92 26.85
C SER B 65 -4.45 -15.61 25.42
N VAL B 66 -4.12 -16.64 24.64
CA VAL B 66 -3.71 -16.48 23.26
C VAL B 66 -4.71 -17.22 22.38
N GLN B 67 -5.18 -16.54 21.33
CA GLN B 67 -6.09 -17.17 20.38
C GLN B 67 -5.68 -16.85 18.95
N LYS B 68 -5.87 -17.83 18.07
CA LYS B 68 -5.67 -17.69 16.63
C LYS B 68 -7.05 -17.63 15.97
N HIS B 69 -7.28 -16.58 15.20
CA HIS B 69 -8.51 -16.41 14.47
C HIS B 69 -8.36 -16.60 12.97
N ILE B 70 -7.18 -16.93 12.53
CA ILE B 70 -6.90 -17.10 11.14
C ILE B 70 -6.72 -18.56 10.85
N GLY B 71 -7.28 -19.00 9.76
CA GLY B 71 -7.21 -20.39 9.40
C GLY B 71 -7.94 -21.20 10.43
N ALA B 72 -7.33 -22.25 10.93
CA ALA B 72 -8.01 -23.07 11.92
C ALA B 72 -7.87 -22.42 13.26
N PRO B 73 -9.07 -21.91 13.74
CA PRO B 73 -8.96 -21.25 15.03
C PRO B 73 -8.53 -22.22 16.11
N ALA B 74 -7.72 -21.72 17.02
CA ALA B 74 -7.18 -22.45 18.14
C ALA B 74 -6.90 -21.55 19.33
N ASN B 75 -6.81 -22.15 20.49
CA ASN B 75 -6.44 -21.44 21.67
C ASN B 75 -5.05 -22.03 21.89
N LEU B 76 -4.12 -21.20 22.30
CA LEU B 76 -2.78 -21.65 22.50
C LEU B 76 -2.51 -21.56 23.96
N ARG B 77 -2.09 -22.65 24.53
CA ARG B 77 -1.81 -22.66 25.96
C ARG B 77 -0.46 -22.00 26.23
N VAL B 78 -0.46 -20.97 27.10
CA VAL B 78 0.79 -20.30 27.49
C VAL B 78 1.48 -21.13 28.56
N VAL B 79 2.77 -21.42 28.37
CA VAL B 79 3.47 -22.33 29.27
C VAL B 79 4.77 -21.70 29.74
N GLY B 80 4.93 -20.43 29.45
CA GLY B 80 6.04 -19.65 29.95
C GLY B 80 5.81 -18.20 29.62
N HIS B 81 6.42 -17.32 30.42
CA HIS B 81 6.32 -15.89 30.16
C HIS B 81 7.60 -15.21 30.60
N ALA B 82 8.07 -14.30 29.76
CA ALA B 82 9.26 -13.51 30.05
C ALA B 82 9.07 -12.13 29.43
N MET B 83 9.89 -11.17 29.88
CA MET B 83 9.80 -9.80 29.41
C MET B 83 11.14 -9.39 28.79
N GLN B 84 11.07 -8.71 27.65
CA GLN B 84 12.29 -8.27 26.98
C GLN B 84 12.08 -6.82 26.55
N GLY B 85 12.62 -5.89 27.33
CA GLY B 85 12.40 -4.47 27.05
C GLY B 85 10.92 -4.19 27.13
N THR B 86 10.35 -3.66 26.05
CA THR B 86 8.94 -3.31 26.02
C THR B 86 8.07 -4.41 25.42
N LEU B 87 8.61 -5.62 25.24
CA LEU B 87 7.85 -6.75 24.74
C LEU B 87 7.69 -7.83 25.80
N LEU B 88 6.60 -8.57 25.70
CA LEU B 88 6.48 -9.86 26.37
C LEU B 88 6.86 -10.96 25.40
N LYS B 89 7.60 -11.93 25.89
CA LYS B 89 7.93 -13.14 25.13
C LYS B 89 7.20 -14.29 25.81
N LEU B 90 6.09 -14.73 25.22
CA LEU B 90 5.30 -15.84 25.74
C LEU B 90 5.65 -17.15 25.02
N THR B 91 5.80 -18.23 25.78
CA THR B 91 6.03 -19.56 25.21
C THR B 91 4.73 -20.34 25.23
N VAL B 92 4.34 -20.89 24.09
CA VAL B 92 3.10 -21.64 23.96
C VAL B 92 3.41 -23.09 23.60
N ASP B 93 2.44 -23.96 23.83
CA ASP B 93 2.68 -25.40 23.78
C ASP B 93 2.71 -25.98 22.37
N VAL B 94 2.18 -25.27 21.37
CA VAL B 94 2.23 -25.72 19.99
C VAL B 94 3.03 -24.75 19.15
N ALA B 95 3.87 -25.28 18.28
CA ALA B 95 4.64 -24.46 17.37
C ALA B 95 3.74 -23.97 16.25
N ASN B 96 3.99 -22.76 15.76
CA ASN B 96 3.22 -22.27 14.62
C ASN B 96 3.65 -23.07 13.39
N PRO B 97 2.76 -23.86 12.79
CA PRO B 97 3.16 -24.72 11.67
C PRO B 97 3.46 -23.96 10.39
N SER B 98 3.08 -22.69 10.32
CA SER B 98 3.32 -21.85 9.15
C SER B 98 4.35 -20.76 9.43
N THR B 99 5.36 -21.08 10.24
CA THR B 99 6.39 -20.12 10.56
C THR B 99 7.29 -19.87 9.36
N PRO B 100 7.47 -18.63 8.91
CA PRO B 100 8.40 -18.36 7.82
C PRO B 100 9.84 -18.38 8.33
N ALA B 101 10.77 -18.42 7.37
CA ALA B 101 12.14 -18.07 7.69
C ALA B 101 12.20 -16.60 8.06
N TYR B 102 12.86 -16.28 9.17
CA TYR B 102 12.81 -14.92 9.68
C TYR B 102 14.11 -14.52 10.35
N THR B 103 14.30 -13.20 10.46
CA THR B 103 15.29 -12.60 11.33
C THR B 103 14.69 -11.38 12.00
N PHE B 104 15.42 -10.84 12.97
CA PHE B 104 15.03 -9.62 13.66
C PHE B 104 16.11 -8.57 13.37
N THR B 105 15.71 -7.45 12.79
CA THR B 105 16.66 -6.39 12.49
C THR B 105 16.07 -5.07 12.93
N THR B 106 16.92 -4.14 13.29
CA THR B 106 16.49 -2.79 13.60
C THR B 106 16.69 -1.92 12.36
N VAL B 107 15.68 -1.11 12.02
CA VAL B 107 15.75 -0.30 10.83
C VAL B 107 16.29 1.07 11.17
N LYS B 108 17.13 1.60 10.28
CA LYS B 108 17.70 2.93 10.44
C LYS B 108 16.77 3.97 9.81
N PRO B 109 16.88 5.24 10.23
CA PRO B 109 16.01 6.26 9.62
C PRO B 109 16.25 6.35 8.12
N GLY B 110 15.17 6.57 7.38
CA GLY B 110 15.20 6.59 5.93
C GLY B 110 14.89 5.27 5.25
N ALA B 111 15.00 4.15 5.97
CA ALA B 111 14.67 2.85 5.42
C ALA B 111 13.16 2.62 5.39
N ALA B 112 12.70 1.91 4.36
CA ALA B 112 11.30 1.60 4.16
C ALA B 112 10.99 0.19 4.64
N PHE B 113 9.76 0.00 5.14
CA PHE B 113 9.29 -1.34 5.48
C PHE B 113 7.76 -1.40 5.43
N SER B 114 7.27 -2.62 5.29
CA SER B 114 5.84 -2.91 5.21
C SER B 114 5.23 -3.13 6.59
N VAL B 115 3.97 -2.74 6.73
CA VAL B 115 3.24 -2.93 7.98
C VAL B 115 1.96 -3.69 7.70
N LEU B 116 1.65 -4.66 8.55
CA LEU B 116 0.36 -5.32 8.56
C LEU B 116 -0.42 -4.82 9.77
N ALA B 117 -1.42 -3.98 9.55
CA ALA B 117 -2.24 -3.47 10.65
C ALA B 117 -3.31 -4.50 11.00
N CYS B 118 -3.39 -4.85 12.28
CA CYS B 118 -4.29 -5.88 12.76
C CYS B 118 -5.16 -5.35 13.89
N TYR B 119 -6.33 -5.94 14.03
CA TYR B 119 -7.20 -5.66 15.15
C TYR B 119 -7.74 -6.98 15.67
N ASN B 120 -7.56 -7.20 16.97
CA ASN B 120 -8.00 -8.42 17.67
C ASN B 120 -7.48 -9.69 16.99
N GLY B 121 -6.23 -9.64 16.56
CA GLY B 121 -5.59 -10.76 15.90
C GLY B 121 -6.03 -11.00 14.47
N ARG B 122 -6.77 -10.07 13.86
CA ARG B 122 -7.22 -10.22 12.49
C ARG B 122 -6.58 -9.16 11.60
N PRO B 123 -5.93 -9.54 10.51
CA PRO B 123 -5.31 -8.54 9.62
C PRO B 123 -6.38 -7.73 8.90
N THR B 124 -6.19 -6.41 8.88
CA THR B 124 -7.18 -5.54 8.27
C THR B 124 -6.65 -4.66 7.15
N GLY B 125 -5.37 -4.29 7.18
CA GLY B 125 -4.80 -3.49 6.11
C GLY B 125 -3.29 -3.59 6.08
N THR B 126 -2.72 -3.21 4.94
CA THR B 126 -1.27 -3.20 4.83
C THR B 126 -0.86 -1.93 4.09
N PHE B 127 0.32 -1.43 4.44
CA PHE B 127 0.83 -0.18 3.89
C PHE B 127 2.33 -0.15 4.14
N THR B 128 3.00 0.83 3.54
CA THR B 128 4.45 0.99 3.65
C THR B 128 4.78 2.31 4.33
N VAL B 129 5.86 2.31 5.12
CA VAL B 129 6.32 3.49 5.84
C VAL B 129 7.84 3.55 5.77
N VAL B 130 8.38 4.73 6.06
CA VAL B 130 9.81 4.89 6.26
C VAL B 130 10.02 5.36 7.69
N MET B 131 11.07 4.85 8.32
CA MET B 131 11.46 5.32 9.63
C MET B 131 11.96 6.76 9.51
N ARG B 132 11.25 7.71 10.13
CA ARG B 132 11.67 9.10 10.11
C ARG B 132 12.96 9.31 10.88
N PRO B 133 13.65 10.43 10.64
CA PRO B 133 14.88 10.72 11.41
C PRO B 133 14.64 10.87 12.90
N ASN B 134 13.45 11.27 13.32
CA ASN B 134 13.10 11.35 14.73
C ASN B 134 12.50 10.06 15.27
N TYR B 135 12.61 8.95 14.53
CA TYR B 135 12.22 7.62 15.00
C TYR B 135 10.72 7.51 15.24
N THR B 136 9.95 8.10 14.33
CA THR B 136 8.52 7.89 14.23
C THR B 136 8.18 7.42 12.81
N ILE B 137 6.94 6.95 12.65
CA ILE B 137 6.42 6.56 11.35
C ILE B 137 5.02 7.15 11.22
N LYS B 138 4.59 7.28 9.97
CA LYS B 138 3.32 7.93 9.63
C LYS B 138 2.43 6.90 8.95
N GLY B 139 1.83 6.02 9.73
CA GLY B 139 1.00 4.99 9.12
C GLY B 139 -0.46 5.30 9.29
N SER B 140 -1.27 4.24 9.34
CA SER B 140 -2.64 4.35 9.82
C SER B 140 -2.86 3.27 10.86
N PHE B 141 -2.95 3.68 12.13
CA PHE B 141 -3.13 2.77 13.26
C PHE B 141 -4.30 3.28 14.09
N LEU B 142 -5.30 2.44 14.27
CA LEU B 142 -6.47 2.80 15.04
C LEU B 142 -6.42 2.14 16.42
N CYS B 143 -7.55 2.16 17.12
CA CYS B 143 -7.62 1.45 18.41
C CYS B 143 -7.50 -0.04 18.17
N GLY B 144 -6.76 -0.70 19.06
CA GLY B 144 -6.55 -2.12 18.94
C GLY B 144 -5.41 -2.52 18.02
N SER B 145 -4.68 -1.57 17.45
CA SER B 145 -3.63 -1.87 16.49
C SER B 145 -2.29 -2.22 17.13
N CYS B 146 -2.13 -2.05 18.44
CA CYS B 146 -0.90 -2.47 19.10
C CYS B 146 -0.60 -3.94 18.84
N GLY B 147 0.68 -4.26 18.69
CA GLY B 147 1.10 -5.57 18.27
C GLY B 147 1.15 -5.77 16.77
N SER B 148 0.57 -4.85 15.99
CA SER B 148 0.77 -4.94 14.54
C SER B 148 2.27 -4.86 14.25
N VAL B 149 2.65 -5.46 13.14
CA VAL B 149 4.01 -5.90 12.88
C VAL B 149 4.50 -5.22 11.61
N GLY B 150 5.78 -4.85 11.59
CA GLY B 150 6.41 -4.25 10.42
C GLY B 150 7.64 -5.05 10.04
N TYR B 151 7.87 -5.17 8.74
CA TYR B 151 8.86 -6.13 8.27
C TYR B 151 9.31 -5.78 6.85
N THR B 152 10.45 -6.34 6.48
CA THR B 152 10.95 -6.37 5.11
C THR B 152 11.23 -7.81 4.72
N LYS B 153 11.37 -8.05 3.43
CA LYS B 153 11.68 -9.38 2.92
C LYS B 153 12.92 -9.31 2.06
N GLU B 154 13.84 -10.26 2.27
CA GLU B 154 14.95 -10.50 1.37
C GLU B 154 14.89 -11.97 0.96
N GLY B 155 14.64 -12.22 -0.32
CA GLY B 155 14.35 -13.57 -0.72
C GLY B 155 13.12 -14.04 0.01
N SER B 156 13.16 -15.25 0.56
CA SER B 156 12.02 -15.82 1.26
C SER B 156 12.07 -15.58 2.78
N VAL B 157 13.01 -14.76 3.26
CA VAL B 157 13.19 -14.52 4.69
C VAL B 157 12.52 -13.21 5.08
N ILE B 158 11.65 -13.25 6.09
CA ILE B 158 11.07 -12.02 6.60
C ILE B 158 11.97 -11.46 7.69
N ASN B 159 12.25 -10.19 7.59
CA ASN B 159 12.99 -9.54 8.61
C ASN B 159 12.01 -8.70 9.38
N PHE B 160 11.67 -9.10 10.58
CA PHE B 160 10.74 -8.39 11.44
C PHE B 160 11.47 -7.22 12.13
N CYS B 161 10.91 -6.05 11.99
CA CYS B 161 11.50 -4.87 12.52
C CYS B 161 10.72 -3.94 13.38
N TYR B 162 9.43 -4.14 13.47
CA TYR B 162 8.57 -3.29 14.22
C TYR B 162 7.35 -3.99 14.78
N MET B 163 7.02 -3.65 16.03
CA MET B 163 5.84 -4.03 16.74
C MET B 163 5.26 -2.77 17.32
N HIS B 164 4.08 -2.44 16.89
CA HIS B 164 3.38 -1.24 17.25
C HIS B 164 2.92 -1.05 18.70
N GLN B 165 3.21 0.12 19.20
CA GLN B 165 2.90 0.50 20.57
C GLN B 165 2.12 1.78 20.83
N MET B 166 2.37 2.81 20.05
CA MET B 166 1.74 4.07 20.29
C MET B 166 1.56 5.08 19.22
N GLU B 167 0.71 5.99 19.51
CA GLU B 167 0.44 7.08 18.65
C GLU B 167 0.76 8.36 19.38
N LEU B 168 1.67 9.16 18.87
CA LEU B 168 1.93 10.46 19.48
C LEU B 168 0.78 11.42 19.20
N ALA B 169 0.73 12.52 19.96
CA ALA B 169 -0.41 13.44 19.82
C ALA B 169 -0.41 14.13 18.46
N ASN B 170 0.74 14.24 17.79
CA ASN B 170 0.79 14.78 16.44
C ASN B 170 0.31 13.78 15.38
N GLY B 171 -0.31 12.67 15.77
CA GLY B 171 -0.82 11.69 14.82
C GLY B 171 0.20 10.70 14.32
N THR B 172 1.46 10.86 14.69
CA THR B 172 2.57 10.02 14.27
C THR B 172 2.69 8.80 15.23
N HIS B 173 3.50 7.80 14.85
CA HIS B 173 3.42 6.51 15.53
C HIS B 173 4.80 5.94 15.81
N THR B 174 4.88 5.12 16.87
CA THR B 174 6.12 4.40 17.15
C THR B 174 5.85 3.08 17.87
N GLY B 175 6.91 2.29 17.97
CA GLY B 175 6.85 0.96 18.53
C GLY B 175 8.27 0.44 18.71
N SER B 176 8.40 -0.87 18.88
CA SER B 176 9.65 -1.50 19.28
C SER B 176 10.25 -2.34 18.17
N ALA B 177 11.56 -2.48 18.21
CA ALA B 177 12.23 -3.58 17.55
C ALA B 177 12.07 -4.84 18.39
N PHE B 178 12.44 -5.98 17.82
CA PHE B 178 12.14 -7.22 18.51
C PHE B 178 13.19 -7.59 19.53
N ASP B 179 14.15 -6.72 19.77
CA ASP B 179 15.00 -6.85 20.95
C ASP B 179 14.36 -6.20 22.17
N GLY B 180 13.20 -5.57 22.02
CA GLY B 180 12.51 -4.94 23.11
C GLY B 180 12.68 -3.44 23.19
N THR B 181 13.65 -2.88 22.49
CA THR B 181 13.96 -1.47 22.60
C THR B 181 13.00 -0.63 21.78
N MET B 182 12.45 0.41 22.39
CA MET B 182 11.51 1.27 21.70
C MET B 182 12.23 2.24 20.76
N TYR B 183 11.72 2.37 19.53
CA TYR B 183 12.29 3.32 18.59
C TYR B 183 12.11 4.73 19.12
N GLY B 184 13.22 5.48 19.18
CA GLY B 184 13.19 6.83 19.71
C GLY B 184 13.14 6.92 21.22
N ALA B 185 13.24 5.79 21.91
CA ALA B 185 13.25 5.70 23.38
C ALA B 185 11.98 6.25 24.02
N PHE B 186 10.89 6.35 23.27
CA PHE B 186 9.63 6.70 23.90
C PHE B 186 9.26 5.65 24.94
N MET B 187 8.51 6.06 25.96
CA MET B 187 8.15 5.16 27.04
C MET B 187 6.78 4.56 26.76
N ASP B 188 6.60 3.30 27.11
CA ASP B 188 5.32 2.64 26.90
C ASP B 188 4.43 2.86 28.12
N LYS B 189 3.95 4.10 28.26
CA LYS B 189 2.96 4.43 29.27
C LYS B 189 2.04 5.54 28.75
N GLN B 190 0.90 5.69 29.43
CA GLN B 190 -0.19 6.55 28.93
C GLN B 190 0.05 8.01 29.33
N VAL B 191 1.08 8.59 28.73
CA VAL B 191 1.44 9.98 28.99
C VAL B 191 1.69 10.69 27.67
N HIS B 192 1.34 11.97 27.65
CA HIS B 192 1.73 12.86 26.56
C HIS B 192 3.25 12.94 26.45
N GLN B 193 3.78 12.72 25.24
CA GLN B 193 5.22 12.70 25.00
C GLN B 193 5.52 13.47 23.72
N VAL B 194 6.64 14.19 23.72
CA VAL B 194 7.02 15.06 22.60
C VAL B 194 8.17 14.42 21.84
N GLN B 195 8.03 14.37 20.52
CA GLN B 195 9.05 13.87 19.61
C GLN B 195 10.02 14.99 19.23
N LEU B 196 11.25 14.58 18.87
CA LEU B 196 12.23 15.49 18.29
C LEU B 196 11.77 16.01 16.94
N THR B 197 12.39 17.11 16.50
CA THR B 197 12.02 17.66 15.20
C THR B 197 12.40 16.70 14.08
N ASP B 198 11.47 16.52 13.14
CA ASP B 198 11.72 15.65 12.01
C ASP B 198 12.66 16.34 11.02
N LYS B 199 13.35 15.53 10.23
CA LYS B 199 14.26 16.02 9.21
C LYS B 199 13.93 15.34 7.89
N TYR B 200 14.41 15.94 6.80
CA TYR B 200 14.37 15.31 5.49
C TYR B 200 15.47 14.25 5.39
N CYS B 201 15.14 13.12 4.76
CA CYS B 201 16.11 12.05 4.49
C CYS B 201 16.78 12.35 3.17
N SER B 202 17.96 12.98 3.24
CA SER B 202 18.63 13.51 2.05
C SER B 202 18.76 12.45 0.95
N VAL B 203 19.28 11.28 1.29
CA VAL B 203 19.46 10.25 0.28
C VAL B 203 18.14 9.91 -0.41
N ASN B 204 17.01 9.97 0.32
CA ASN B 204 15.74 9.69 -0.33
C ASN B 204 15.34 10.82 -1.28
N VAL B 205 15.62 12.07 -0.89
CA VAL B 205 15.32 13.21 -1.76
C VAL B 205 16.13 13.11 -3.06
N VAL B 206 17.40 12.75 -2.94
CA VAL B 206 18.25 12.55 -4.12
C VAL B 206 17.65 11.48 -5.03
N ALA B 207 17.30 10.32 -4.46
CA ALA B 207 16.73 9.26 -5.27
C ALA B 207 15.46 9.71 -5.99
N TRP B 208 14.67 10.56 -5.35
CA TRP B 208 13.42 11.02 -5.93
C TRP B 208 13.69 11.96 -7.11
N LEU B 209 14.66 12.86 -6.97
CA LEU B 209 15.00 13.74 -8.08
C LEU B 209 15.51 12.94 -9.28
N TYR B 210 16.35 11.92 -9.03
CA TYR B 210 16.75 11.02 -10.10
C TYR B 210 15.54 10.43 -10.79
N ALA B 211 14.53 10.01 -10.00
CA ALA B 211 13.32 9.46 -10.60
C ALA B 211 12.62 10.49 -11.46
N ALA B 212 12.66 11.76 -11.04
CA ALA B 212 12.09 12.83 -11.87
C ALA B 212 12.80 12.89 -13.23
N ILE B 213 14.13 12.92 -13.20
CA ILE B 213 14.90 13.04 -14.44
C ILE B 213 14.59 11.88 -15.38
N LEU B 214 14.43 10.69 -14.84
CA LEU B 214 14.13 9.51 -15.63
C LEU B 214 12.82 9.58 -16.35
N ASN B 215 11.87 10.27 -15.78
CA ASN B 215 10.56 10.43 -16.33
C ASN B 215 10.53 11.65 -17.21
N GLY B 216 11.68 12.22 -17.47
CA GLY B 216 11.78 13.40 -18.29
C GLY B 216 11.72 14.76 -17.64
N CYS B 217 11.50 14.83 -16.35
CA CYS B 217 11.45 16.08 -15.62
C CYS B 217 12.85 16.41 -15.06
N ALA B 218 13.54 17.31 -15.72
CA ALA B 218 14.89 17.69 -15.34
C ALA B 218 15.18 19.14 -15.23
N TRP B 219 14.17 19.95 -14.99
CA TRP B 219 14.36 21.37 -14.91
C TRP B 219 15.25 21.91 -13.82
N PHE B 220 15.29 21.24 -12.70
CA PHE B 220 16.08 21.66 -11.60
C PHE B 220 17.54 21.42 -11.84
N VAL B 221 17.88 20.55 -12.77
CA VAL B 221 19.26 20.26 -13.05
C VAL B 221 19.99 21.44 -13.68
N LYS B 222 21.19 21.68 -13.19
CA LYS B 222 22.08 22.74 -13.62
C LYS B 222 23.50 22.24 -13.42
N PRO B 223 24.49 23.00 -13.85
CA PRO B 223 25.86 22.52 -13.62
C PRO B 223 26.40 22.83 -12.24
N ASN B 224 25.69 23.67 -11.46
CA ASN B 224 26.15 23.99 -10.12
C ASN B 224 26.24 22.72 -9.27
N ARG B 225 27.38 22.52 -8.64
CA ARG B 225 27.61 21.39 -7.76
C ARG B 225 27.75 21.88 -6.32
N THR B 226 27.29 21.06 -5.37
CA THR B 226 27.72 21.14 -3.98
C THR B 226 28.37 19.81 -3.60
N SER B 227 29.53 19.87 -2.95
CA SER B 227 30.16 18.63 -2.54
C SER B 227 29.33 17.94 -1.45
N VAL B 228 29.61 16.65 -1.27
CA VAL B 228 28.97 15.88 -0.21
C VAL B 228 29.27 16.51 1.14
N VAL B 229 30.55 16.75 1.43
CA VAL B 229 30.92 17.27 2.74
C VAL B 229 30.37 18.69 2.93
N SER B 230 30.26 19.46 1.85
CA SER B 230 29.73 20.81 2.02
C SER B 230 28.22 20.76 2.26
N PHE B 231 27.50 19.94 1.48
CA PHE B 231 26.06 19.80 1.68
C PHE B 231 25.75 19.36 3.12
N ASN B 232 26.54 18.44 3.67
CA ASN B 232 26.22 17.91 4.99
C ASN B 232 26.35 18.99 6.07
N GLU B 233 27.29 19.92 5.90
CA GLU B 233 27.38 21.03 6.86
C GLU B 233 26.15 21.92 6.79
N TRP B 234 25.69 22.22 5.57
CA TRP B 234 24.44 22.94 5.38
C TRP B 234 23.25 22.19 5.99
N ALA B 235 23.26 20.86 5.93
CA ALA B 235 22.10 20.08 6.35
C ALA B 235 21.84 20.19 7.84
N LEU B 236 22.90 20.34 8.64
CA LEU B 236 22.74 20.49 10.07
C LEU B 236 21.97 21.75 10.44
N ALA B 237 21.97 22.76 9.58
CA ALA B 237 21.31 24.02 9.88
C ALA B 237 19.95 24.16 9.20
N ASN B 238 19.55 23.18 8.40
CA ASN B 238 18.27 23.26 7.69
C ASN B 238 17.47 21.98 7.84
N GLN B 239 17.81 21.16 8.85
CA GLN B 239 17.02 20.00 9.21
C GLN B 239 16.96 19.00 8.07
N PHE B 240 18.13 18.64 7.56
CA PHE B 240 18.33 17.52 6.66
C PHE B 240 19.27 16.53 7.33
N THR B 241 19.13 15.25 6.97
CA THR B 241 20.08 14.26 7.45
C THR B 241 21.40 14.38 6.69
N GLU B 242 22.40 13.70 7.23
CA GLU B 242 23.66 13.41 6.56
C GLU B 242 23.40 12.69 5.25
N PHE B 243 23.96 13.19 4.13
CA PHE B 243 23.99 12.38 2.92
C PHE B 243 25.08 11.34 3.03
N VAL B 244 24.73 10.09 2.75
CA VAL B 244 25.68 9.00 2.67
C VAL B 244 25.45 8.29 1.33
N GLY B 245 26.51 8.17 0.55
CA GLY B 245 26.38 7.56 -0.77
C GLY B 245 26.22 6.05 -0.70
N THR B 246 25.53 5.50 -1.69
CA THR B 246 25.33 4.07 -1.81
C THR B 246 25.47 3.68 -3.27
N GLN B 247 25.75 2.39 -3.48
CA GLN B 247 25.82 1.88 -4.84
C GLN B 247 24.47 2.00 -5.54
N SER B 248 23.39 1.97 -4.77
CA SER B 248 22.07 2.19 -5.35
C SER B 248 21.97 3.57 -5.97
N VAL B 249 22.44 4.60 -5.25
CA VAL B 249 22.42 5.96 -5.78
C VAL B 249 23.33 6.10 -6.99
N ASP B 250 24.46 5.38 -7.01
CA ASP B 250 25.37 5.42 -8.15
C ASP B 250 24.71 4.88 -9.41
N MET B 251 24.01 3.72 -9.30
CA MET B 251 23.26 3.19 -10.44
C MET B 251 22.38 4.28 -11.07
N LEU B 252 21.69 5.05 -10.24
CA LEU B 252 20.80 6.10 -10.71
C LEU B 252 21.55 7.30 -11.25
N ALA B 253 22.85 7.43 -10.97
CA ALA B 253 23.66 8.50 -11.56
C ALA B 253 24.25 8.06 -12.90
N VAL B 254 24.60 6.79 -13.02
CA VAL B 254 25.08 6.28 -14.31
C VAL B 254 23.97 6.33 -15.35
N LYS B 255 22.81 5.73 -15.02
CA LYS B 255 21.72 5.69 -15.99
C LYS B 255 21.24 7.09 -16.36
N THR B 256 21.29 8.02 -15.41
CA THR B 256 20.82 9.38 -15.65
C THR B 256 21.89 10.31 -16.20
N GLY B 257 23.17 9.98 -16.01
CA GLY B 257 24.25 10.88 -16.37
C GLY B 257 24.30 12.17 -15.60
N VAL B 258 23.70 12.23 -14.41
CA VAL B 258 23.67 13.44 -13.59
C VAL B 258 24.35 13.11 -12.27
N ALA B 259 25.23 14.01 -11.82
CA ALA B 259 26.02 13.76 -10.63
C ALA B 259 25.23 14.05 -9.36
N ILE B 260 25.53 13.30 -8.30
CA ILE B 260 24.88 13.55 -7.01
C ILE B 260 25.06 15.00 -6.60
N GLU B 261 26.25 15.55 -6.86
CA GLU B 261 26.61 16.89 -6.41
C GLU B 261 25.74 17.95 -7.06
N GLN B 262 25.31 17.71 -8.30
CA GLN B 262 24.35 18.61 -8.92
C GLN B 262 23.01 18.55 -8.19
N LEU B 263 22.54 17.34 -7.88
CA LEU B 263 21.28 17.19 -7.17
C LEU B 263 21.38 17.74 -5.74
N LEU B 264 22.54 17.62 -5.10
CA LEU B 264 22.70 18.20 -3.77
C LEU B 264 22.59 19.71 -3.81
N TYR B 265 23.21 20.35 -4.83
CA TYR B 265 22.99 21.78 -5.02
C TYR B 265 21.51 22.07 -5.25
N ALA B 266 20.87 21.29 -6.13
CA ALA B 266 19.46 21.50 -6.43
C ALA B 266 18.59 21.42 -5.19
N ILE B 267 18.91 20.49 -4.28
CA ILE B 267 18.12 20.37 -3.05
C ILE B 267 18.17 21.68 -2.26
N GLN B 268 19.37 22.24 -2.09
CA GLN B 268 19.51 23.51 -1.40
C GLN B 268 18.63 24.58 -2.04
N GLN B 269 18.56 24.58 -3.37
CA GLN B 269 17.79 25.62 -4.05
C GLN B 269 16.29 25.30 -4.04
N LEU B 270 15.91 24.03 -4.17
CA LEU B 270 14.49 23.70 -4.15
C LEU B 270 13.91 23.84 -2.75
N TYR B 271 14.72 23.60 -1.72
CA TYR B 271 14.31 23.86 -0.34
C TYR B 271 13.97 25.34 -0.13
N THR B 272 14.80 26.24 -0.69
CA THR B 272 14.52 27.67 -0.69
C THR B 272 13.11 27.97 -1.19
N GLY B 273 12.66 27.21 -2.18
CA GLY B 273 11.36 27.40 -2.79
C GLY B 273 11.31 26.76 -4.16
N PHE B 274 10.14 26.37 -4.61
CA PHE B 274 9.96 25.72 -5.89
C PHE B 274 9.79 26.64 -7.10
N GLN B 275 9.70 27.92 -6.84
CA GLN B 275 9.53 28.92 -7.88
C GLN B 275 8.38 28.59 -8.82
N GLY B 276 7.28 28.04 -8.29
CA GLY B 276 6.07 27.87 -9.13
C GLY B 276 5.92 26.56 -9.86
N LYS B 277 7.01 25.86 -10.13
CA LYS B 277 6.92 24.65 -11.00
C LYS B 277 6.59 23.38 -10.21
N GLN B 278 6.56 22.24 -10.90
CA GLN B 278 6.22 20.96 -10.25
C GLN B 278 7.30 19.91 -10.54
N ILE B 279 7.50 18.97 -9.62
CA ILE B 279 8.44 17.84 -9.81
C ILE B 279 7.68 16.56 -9.45
N LEU B 280 7.46 15.69 -10.43
CA LEU B 280 6.73 14.42 -10.19
C LEU B 280 5.40 14.61 -9.43
N GLY B 281 4.69 15.70 -9.67
CA GLY B 281 3.36 15.89 -9.06
C GLY B 281 3.46 16.52 -7.70
N SER B 282 4.67 16.90 -7.31
CA SER B 282 4.93 17.44 -5.96
C SER B 282 5.38 18.88 -6.05
N THR B 283 5.05 19.67 -5.03
CA THR B 283 5.48 21.07 -4.97
C THR B 283 6.41 21.13 -3.78
N MET B 284 6.51 20.04 -3.03
CA MET B 284 7.48 20.00 -1.95
C MET B 284 8.40 18.81 -2.18
N LEU B 285 9.56 18.85 -1.52
CA LEU B 285 10.49 17.72 -1.56
C LEU B 285 9.80 16.45 -1.06
N GLU B 286 10.21 15.31 -1.61
CA GLU B 286 9.61 14.02 -1.31
C GLU B 286 10.70 13.08 -0.84
N ASP B 287 10.59 12.59 0.41
CA ASP B 287 11.70 11.84 1.01
C ASP B 287 11.28 10.45 1.51
N GLU B 288 10.20 9.89 0.97
CA GLU B 288 9.72 8.60 1.40
C GLU B 288 9.95 7.50 0.38
N PHE B 289 10.66 7.79 -0.70
CA PHE B 289 11.05 6.78 -1.67
C PHE B 289 12.56 6.58 -1.60
N THR B 290 12.98 5.34 -1.45
CA THR B 290 14.39 5.02 -1.30
C THR B 290 15.04 4.88 -2.67
N PRO B 291 16.38 4.84 -2.72
CA PRO B 291 17.03 4.51 -3.99
C PRO B 291 16.64 3.15 -4.53
N GLU B 292 16.42 2.16 -3.64
CA GLU B 292 16.01 0.83 -4.09
C GLU B 292 14.64 0.86 -4.77
N ASP B 293 13.71 1.65 -4.25
CA ASP B 293 12.41 1.79 -4.90
C ASP B 293 12.57 2.35 -6.30
N VAL B 294 13.32 3.45 -6.43
CA VAL B 294 13.53 4.07 -7.73
C VAL B 294 14.18 3.10 -8.70
N ASN B 295 15.11 2.28 -8.21
CA ASN B 295 15.78 1.34 -9.09
C ASN B 295 14.83 0.27 -9.59
N MET B 296 13.95 -0.23 -8.72
CA MET B 296 13.09 -1.33 -9.12
C MET B 296 11.86 -0.84 -9.89
N GLN B 297 11.41 0.39 -9.68
CA GLN B 297 10.15 0.83 -10.30
C GLN B 297 10.36 1.44 -11.68
N ILE B 298 11.43 2.18 -11.89
CA ILE B 298 11.65 2.88 -13.15
C ILE B 298 12.73 2.09 -13.90
N MET B 299 12.28 1.14 -14.72
CA MET B 299 13.19 0.47 -15.65
C MET B 299 12.55 0.36 -17.03
#